data_7XWC
#
_entry.id   7XWC
#
_cell.length_a   132.839
_cell.length_b   132.839
_cell.length_c   239.621
_cell.angle_alpha   90.000
_cell.angle_beta   90.000
_cell.angle_gamma   120.000
#
_symmetry.space_group_name_H-M   'H 3 2'
#
loop_
_entity.id
_entity.type
_entity.pdbx_description
1 polymer 'Feruloyl-CoA hydratase/lyase'
2 non-polymer GLYCEROL
3 non-polymer DI(HYDROXYETHYL)ETHER
4 water water
#
_entity_poly.entity_id   1
_entity_poly.type   'polypeptide(L)'
_entity_poly.pdbx_seq_one_letter_code
;MSEENKPVEREEDTVRYEIVNNVAWVYYNRPTKRNAQSPKLNRQMLKVLTELEFRDDVGVLVLGGEGPAWCAGMDLKEYF
RETEAEGLAGTRKAQREAYTWWERLRWYQKPTIAMVHGWCFGGAYGPLFACDLAFAADEAQFGLSEVNWGILPGGGATKV
AVDLMPMRVAMYHAMMGENLSGQDAARYNLVNESMPADQLKARVKQVAETLIQKNWATVKYTKDAVRRVKEMTYDNAEDY
LIRLQEGLNWFDKSDGRHVAMKQFLDDKTFKPGLGHYDKTKTEVLEHHHHHH
;
_entity_poly.pdbx_strand_id   A,B
#
# COMPACT_ATOMS: atom_id res chain seq x y z
N VAL A 8 -26.39 -2.51 3.14
CA VAL A 8 -26.31 -3.01 4.57
C VAL A 8 -25.96 -4.52 4.58
N GLU A 9 -26.62 -5.36 3.72
CA GLU A 9 -26.77 -6.88 3.72
C GLU A 9 -26.35 -7.53 2.37
N ARG A 10 -26.79 -7.07 1.20
CA ARG A 10 -26.09 -7.40 -0.07
C ARG A 10 -24.89 -6.45 -0.29
N GLU A 11 -23.74 -6.99 -0.66
CA GLU A 11 -22.44 -6.26 -0.74
C GLU A 11 -22.57 -5.04 -1.64
N GLU A 12 -23.20 -5.21 -2.81
CA GLU A 12 -23.29 -4.18 -3.89
C GLU A 12 -24.24 -3.08 -3.44
N ASP A 13 -25.05 -3.30 -2.43
CA ASP A 13 -25.98 -2.22 -1.99
C ASP A 13 -25.29 -1.30 -0.97
N THR A 14 -24.09 -1.65 -0.49
CA THR A 14 -23.49 -0.97 0.69
C THR A 14 -22.97 0.42 0.33
N VAL A 15 -22.83 0.69 -0.97
CA VAL A 15 -22.38 1.98 -1.56
C VAL A 15 -23.26 2.32 -2.75
N ARG A 16 -23.60 3.60 -2.89
CA ARG A 16 -24.35 4.17 -4.04
C ARG A 16 -23.50 5.23 -4.68
N TYR A 17 -23.69 5.50 -5.96
CA TYR A 17 -23.24 6.77 -6.56
C TYR A 17 -24.09 7.20 -7.75
N GLU A 18 -23.97 8.46 -8.06
CA GLU A 18 -24.42 9.11 -9.32
C GLU A 18 -23.27 9.97 -9.83
N ILE A 19 -23.08 10.07 -11.14
CA ILE A 19 -22.20 11.08 -11.76
C ILE A 19 -23.07 12.14 -12.41
N VAL A 20 -22.99 13.39 -11.94
CA VAL A 20 -23.78 14.54 -12.50
C VAL A 20 -22.83 15.68 -12.83
N ASN A 21 -22.71 16.00 -14.12
CA ASN A 21 -21.89 17.12 -14.64
C ASN A 21 -20.44 16.89 -14.25
N ASN A 22 -19.99 15.64 -14.39
CA ASN A 22 -18.57 15.20 -14.23
C ASN A 22 -18.17 15.15 -12.74
N VAL A 23 -19.11 15.35 -11.82
CA VAL A 23 -18.93 15.09 -10.36
C VAL A 23 -19.46 13.70 -10.02
N ALA A 24 -18.62 12.80 -9.48
CA ALA A 24 -19.09 11.53 -8.90
C ALA A 24 -19.50 11.80 -7.46
N TRP A 25 -20.79 11.71 -7.16
CA TRP A 25 -21.39 11.75 -5.80
C TRP A 25 -21.48 10.33 -5.25
N VAL A 26 -20.53 9.92 -4.39
CA VAL A 26 -20.45 8.57 -3.77
C VAL A 26 -20.99 8.69 -2.36
N TYR A 27 -21.90 7.80 -1.98
CA TYR A 27 -22.50 7.76 -0.63
C TYR A 27 -22.27 6.37 -0.04
N TYR A 28 -21.75 6.38 1.20
CA TYR A 28 -21.88 5.25 2.14
C TYR A 28 -23.37 4.88 2.17
N ASN A 29 -23.74 3.61 2.05
CA ASN A 29 -25.20 3.27 1.99
C ASN A 29 -25.60 2.16 2.98
N ARG A 30 -25.33 2.35 4.27
CA ARG A 30 -25.86 1.51 5.36
C ARG A 30 -26.49 2.50 6.32
N PRO A 31 -27.46 3.34 5.89
CA PRO A 31 -28.00 4.39 6.76
C PRO A 31 -28.54 3.94 8.13
N THR A 32 -29.12 2.74 8.22
CA THR A 32 -29.70 2.26 9.50
C THR A 32 -28.57 1.83 10.42
N LYS A 33 -27.38 1.57 9.87
CA LYS A 33 -26.19 1.14 10.65
C LYS A 33 -25.22 2.32 10.78
N ARG A 34 -25.73 3.54 10.63
CA ARG A 34 -24.98 4.82 10.52
C ARG A 34 -23.69 4.60 9.72
N ASN A 35 -23.81 3.94 8.57
CA ASN A 35 -22.76 3.89 7.53
C ASN A 35 -21.47 3.36 8.12
N ALA A 36 -21.54 2.46 9.09
CA ALA A 36 -20.36 1.80 9.69
C ALA A 36 -19.65 1.02 8.59
N GLN A 37 -18.31 0.98 8.62
CA GLN A 37 -17.50 0.33 7.57
C GLN A 37 -17.38 -1.13 7.90
N SER A 38 -18.18 -1.96 7.25
CA SER A 38 -18.19 -3.44 7.39
C SER A 38 -17.25 -3.98 6.33
N PRO A 39 -16.73 -5.22 6.40
CA PRO A 39 -15.95 -5.76 5.27
C PRO A 39 -16.67 -5.66 3.92
N LYS A 40 -18.00 -5.85 3.92
CA LYS A 40 -18.81 -5.77 2.68
C LYS A 40 -18.69 -4.35 2.11
N LEU A 41 -18.87 -3.33 2.95
CA LEU A 41 -18.78 -1.93 2.49
C LEU A 41 -17.33 -1.66 2.05
N ASN A 42 -16.35 -2.21 2.75
CA ASN A 42 -14.93 -1.93 2.44
C ASN A 42 -14.64 -2.48 1.04
N ARG A 43 -15.10 -3.69 0.73
CA ARG A 43 -14.82 -4.30 -0.58
C ARG A 43 -15.55 -3.53 -1.67
N GLN A 44 -16.81 -3.15 -1.45
CA GLN A 44 -17.62 -2.50 -2.49
C GLN A 44 -17.08 -1.10 -2.75
N MET A 45 -16.66 -0.38 -1.71
CA MET A 45 -16.10 0.99 -1.84
C MET A 45 -14.85 0.91 -2.72
N LEU A 46 -13.99 -0.08 -2.56
CA LEU A 46 -12.76 -0.14 -3.39
C LEU A 46 -13.17 -0.30 -4.86
N LYS A 47 -14.16 -1.16 -5.12
CA LYS A 47 -14.58 -1.52 -6.48
C LYS A 47 -15.19 -0.26 -7.11
N VAL A 48 -16.07 0.41 -6.40
CA VAL A 48 -16.67 1.71 -6.86
C VAL A 48 -15.56 2.76 -7.10
N LEU A 49 -14.65 2.99 -6.15
CA LEU A 49 -13.64 4.06 -6.36
C LEU A 49 -12.75 3.66 -7.52
N THR A 50 -12.41 2.38 -7.62
CA THR A 50 -11.52 1.88 -8.70
C THR A 50 -12.16 2.11 -10.07
N GLU A 51 -13.45 1.79 -10.23
CA GLU A 51 -14.19 1.93 -11.52
C GLU A 51 -14.27 3.41 -11.93
N LEU A 52 -14.42 4.32 -10.96
CA LEU A 52 -14.65 5.74 -11.28
C LEU A 52 -13.37 6.51 -11.59
N GLU A 53 -12.25 6.10 -11.00
CA GLU A 53 -11.01 6.94 -10.87
C GLU A 53 -10.56 7.53 -12.22
N PHE A 54 -10.44 6.67 -13.22
CA PHE A 54 -9.81 7.06 -14.51
C PHE A 54 -10.87 7.30 -15.58
N ARG A 55 -12.15 7.45 -15.23
CA ARG A 55 -13.14 7.81 -16.29
C ARG A 55 -12.80 9.20 -16.78
N ASP A 56 -12.89 9.44 -18.08
CA ASP A 56 -12.71 10.79 -18.67
C ASP A 56 -13.86 11.70 -18.32
N ASP A 57 -14.98 11.17 -17.85
CA ASP A 57 -16.18 11.98 -17.54
C ASP A 57 -16.31 12.18 -16.02
N VAL A 58 -15.31 11.80 -15.21
CA VAL A 58 -15.30 12.09 -13.73
C VAL A 58 -14.17 13.08 -13.43
N GLY A 59 -14.52 14.31 -13.03
CA GLY A 59 -13.52 15.35 -12.75
C GLY A 59 -13.25 15.55 -11.25
N VAL A 60 -14.18 15.15 -10.39
CA VAL A 60 -14.15 15.35 -8.92
C VAL A 60 -15.03 14.29 -8.27
N LEU A 61 -14.63 13.82 -7.09
CA LEU A 61 -15.42 12.83 -6.32
C LEU A 61 -15.85 13.44 -4.99
N VAL A 62 -17.14 13.35 -4.68
CA VAL A 62 -17.66 13.81 -3.36
C VAL A 62 -18.04 12.55 -2.59
N LEU A 63 -17.61 12.42 -1.33
CA LEU A 63 -17.93 11.28 -0.47
C LEU A 63 -18.90 11.77 0.58
N GLY A 64 -20.15 11.30 0.49
CA GLY A 64 -21.22 11.65 1.43
C GLY A 64 -21.75 10.40 2.04
N GLY A 65 -22.81 10.54 2.81
CA GLY A 65 -23.45 9.43 3.50
C GLY A 65 -24.96 9.59 3.51
N GLU A 66 -25.66 8.46 3.39
CA GLU A 66 -27.13 8.36 3.52
C GLU A 66 -27.49 8.33 5.00
N GLY A 67 -28.69 8.78 5.34
CA GLY A 67 -29.18 8.75 6.73
C GLY A 67 -28.53 9.88 7.50
N PRO A 68 -28.68 9.90 8.84
CA PRO A 68 -28.17 11.00 9.66
C PRO A 68 -26.66 10.98 10.02
N ALA A 69 -25.94 9.92 9.66
CA ALA A 69 -24.49 9.82 9.88
C ALA A 69 -23.75 9.97 8.54
N TRP A 70 -22.55 10.55 8.61
CA TRP A 70 -21.57 10.40 7.52
C TRP A 70 -21.04 8.97 7.63
N CYS A 71 -20.30 8.69 8.70
CA CYS A 71 -19.71 7.35 8.99
C CYS A 71 -19.40 7.30 10.48
N ALA A 72 -20.06 6.40 11.21
CA ALA A 72 -19.87 6.16 12.65
C ALA A 72 -18.58 5.36 12.92
N GLY A 73 -17.84 4.94 11.90
CA GLY A 73 -16.55 4.25 12.11
C GLY A 73 -16.58 2.85 11.55
N MET A 74 -15.86 1.92 12.18
CA MET A 74 -15.88 0.50 11.76
C MET A 74 -17.11 -0.23 12.38
N ASP A 75 -17.72 -1.12 11.59
CA ASP A 75 -18.78 -2.06 12.04
C ASP A 75 -18.14 -3.08 12.98
N LEU A 76 -18.26 -2.82 14.27
CA LEU A 76 -17.78 -3.67 15.39
C LEU A 76 -18.26 -5.12 15.14
N LYS A 77 -19.54 -5.32 14.81
CA LYS A 77 -20.17 -6.66 14.67
C LYS A 77 -19.55 -7.45 13.50
N GLU A 78 -19.25 -6.82 12.35
CA GLU A 78 -18.74 -7.57 11.16
C GLU A 78 -17.22 -7.42 11.01
N TYR A 79 -16.66 -6.22 11.21
CA TYR A 79 -15.23 -5.87 10.90
C TYR A 79 -14.31 -6.33 12.04
N PHE A 80 -14.70 -6.15 13.31
CA PHE A 80 -13.89 -6.49 14.52
C PHE A 80 -14.29 -7.90 15.01
N ARG A 81 -15.57 -8.30 14.91
CA ARG A 81 -16.09 -9.66 15.25
C ARG A 81 -16.62 -10.35 13.98
N GLU A 82 -16.45 -11.67 13.83
CA GLU A 82 -16.67 -12.45 12.57
C GLU A 82 -15.44 -12.35 11.65
N THR A 83 -14.31 -11.97 12.24
CA THR A 83 -13.00 -11.78 11.57
C THR A 83 -11.90 -12.37 12.44
N GLU A 84 -11.76 -11.96 13.71
CA GLU A 84 -10.90 -12.67 14.72
C GLU A 84 -11.56 -14.04 15.03
N ALA A 85 -12.83 -14.25 14.62
CA ALA A 85 -13.50 -15.55 14.45
C ALA A 85 -12.59 -16.48 13.63
N GLU A 86 -11.92 -15.99 12.56
CA GLU A 86 -11.01 -16.76 11.65
C GLU A 86 -9.52 -16.51 12.02
N GLY A 87 -9.28 -15.98 13.21
CA GLY A 87 -7.93 -15.67 13.74
C GLY A 87 -7.23 -14.56 12.97
N LEU A 88 -5.88 -14.61 12.98
CA LEU A 88 -5.00 -13.62 12.28
C LEU A 88 -5.43 -13.48 10.82
N ALA A 89 -5.65 -14.58 10.09
CA ALA A 89 -5.89 -14.53 8.63
C ALA A 89 -7.13 -13.65 8.38
N GLY A 90 -8.12 -13.70 9.27
CA GLY A 90 -9.35 -12.94 9.07
C GLY A 90 -9.15 -11.50 9.46
N THR A 91 -8.45 -11.28 10.57
CA THR A 91 -8.10 -9.92 11.03
C THR A 91 -7.31 -9.24 9.90
N ARG A 92 -6.32 -9.91 9.33
CA ARG A 92 -5.41 -9.25 8.36
C ARG A 92 -6.16 -8.98 7.06
N LYS A 93 -7.07 -9.87 6.65
CA LYS A 93 -7.86 -9.64 5.42
C LYS A 93 -8.78 -8.43 5.62
N ALA A 94 -9.52 -8.35 6.73
CA ALA A 94 -10.46 -7.23 6.97
C ALA A 94 -9.68 -5.90 7.09
N GLN A 95 -8.54 -5.92 7.80
CA GLN A 95 -7.64 -4.74 7.89
C GLN A 95 -7.26 -4.29 6.50
N ARG A 96 -6.74 -5.20 5.67
CA ARG A 96 -6.30 -4.81 4.32
C ARG A 96 -7.44 -4.21 3.49
N GLU A 97 -8.64 -4.74 3.63
CA GLU A 97 -9.77 -4.21 2.82
C GLU A 97 -10.00 -2.76 3.21
N ALA A 98 -9.95 -2.43 4.51
CA ALA A 98 -10.21 -1.05 5.00
C ALA A 98 -9.05 -0.13 4.54
N TYR A 99 -7.80 -0.46 4.88
CA TYR A 99 -6.62 0.39 4.64
C TYR A 99 -6.43 0.58 3.13
N THR A 100 -6.78 -0.41 2.31
CA THR A 100 -6.51 -0.30 0.86
C THR A 100 -7.39 0.77 0.22
N TRP A 101 -8.65 0.87 0.60
CA TRP A 101 -9.55 1.83 -0.09
C TRP A 101 -9.34 3.24 0.43
N TRP A 102 -9.01 3.40 1.71
CA TRP A 102 -8.54 4.71 2.23
C TRP A 102 -7.32 5.15 1.42
N GLU A 103 -6.38 4.24 1.16
CA GLU A 103 -5.16 4.62 0.42
C GLU A 103 -5.57 5.02 -1.01
N ARG A 104 -6.46 4.26 -1.63
CA ARG A 104 -6.91 4.54 -3.01
C ARG A 104 -7.47 5.97 -3.04
N LEU A 105 -8.28 6.33 -2.07
CA LEU A 105 -8.98 7.65 -2.07
C LEU A 105 -7.94 8.75 -1.79
N ARG A 106 -6.96 8.48 -0.91
CA ARG A 106 -5.96 9.48 -0.46
C ARG A 106 -5.12 9.90 -1.65
N TRP A 107 -4.76 8.97 -2.53
CA TRP A 107 -3.92 9.25 -3.74
C TRP A 107 -4.76 9.23 -5.03
N TYR A 108 -6.07 9.53 -4.93
CA TYR A 108 -7.01 9.46 -6.08
C TYR A 108 -6.53 10.37 -7.22
N GLN A 109 -6.74 9.93 -8.47
CA GLN A 109 -6.37 10.69 -9.69
C GLN A 109 -7.15 12.01 -9.74
N LYS A 110 -8.36 11.98 -9.23
CA LYS A 110 -9.23 13.17 -9.28
C LYS A 110 -9.29 13.82 -7.90
N PRO A 111 -9.55 15.14 -7.81
CA PRO A 111 -9.78 15.74 -6.51
C PRO A 111 -10.96 15.12 -5.76
N THR A 112 -10.91 15.16 -4.42
CA THR A 112 -11.87 14.48 -3.51
C THR A 112 -12.32 15.48 -2.45
N ILE A 113 -13.60 15.36 -2.08
CA ILE A 113 -14.27 16.26 -1.13
C ILE A 113 -15.08 15.41 -0.17
N ALA A 114 -14.91 15.59 1.14
CA ALA A 114 -15.80 14.96 2.13
C ALA A 114 -16.98 15.90 2.34
N MET A 115 -18.20 15.38 2.27
CA MET A 115 -19.42 16.15 2.57
C MET A 115 -20.03 15.57 3.85
N VAL A 116 -19.67 16.16 5.01
CA VAL A 116 -19.90 15.59 6.35
C VAL A 116 -21.06 16.36 7.00
N HIS A 117 -22.24 15.78 6.88
CA HIS A 117 -23.54 16.33 7.36
C HIS A 117 -23.79 15.89 8.80
N GLY A 118 -23.25 14.74 9.22
CA GLY A 118 -23.67 14.12 10.50
C GLY A 118 -22.52 13.53 11.30
N TRP A 119 -22.74 12.39 11.94
CA TRP A 119 -21.75 11.68 12.78
C TRP A 119 -20.51 11.32 11.94
N CYS A 120 -19.31 11.66 12.42
CA CYS A 120 -18.00 11.21 11.86
C CYS A 120 -17.09 10.75 13.01
N PHE A 121 -16.90 9.44 13.21
CA PHE A 121 -16.27 8.83 14.40
C PHE A 121 -15.22 7.80 14.02
N GLY A 122 -14.14 7.75 14.80
CA GLY A 122 -13.24 6.58 14.81
C GLY A 122 -12.60 6.37 13.46
N GLY A 123 -12.70 5.16 12.92
CA GLY A 123 -12.20 4.73 11.60
C GLY A 123 -12.73 5.53 10.43
N ALA A 124 -13.72 6.42 10.62
CA ALA A 124 -14.14 7.39 9.58
C ALA A 124 -13.04 8.43 9.28
N TYR A 125 -12.15 8.69 10.23
CA TYR A 125 -11.06 9.70 10.13
C TYR A 125 -10.12 9.35 8.98
N GLY A 126 -9.88 8.07 8.67
CA GLY A 126 -9.06 7.67 7.51
C GLY A 126 -9.66 8.21 6.20
N PRO A 127 -10.92 7.88 5.86
CA PRO A 127 -11.54 8.50 4.70
C PRO A 127 -11.64 10.04 4.77
N LEU A 128 -11.83 10.58 5.97
CA LEU A 128 -11.94 12.05 6.13
C LEU A 128 -10.62 12.67 5.67
N PHE A 129 -9.49 12.07 6.06
CA PHE A 129 -8.16 12.63 5.72
C PHE A 129 -7.83 12.33 4.25
N ALA A 130 -8.32 11.19 3.74
CA ALA A 130 -8.07 10.75 2.34
C ALA A 130 -8.78 11.70 1.38
N CYS A 131 -9.88 12.32 1.78
CA CYS A 131 -10.44 13.43 1.00
C CYS A 131 -9.48 14.63 1.04
N ASP A 132 -9.23 15.27 -0.12
CA ASP A 132 -8.39 16.49 -0.23
C ASP A 132 -9.04 17.64 0.57
N LEU A 133 -10.33 17.87 0.35
CA LEU A 133 -11.09 18.97 1.02
C LEU A 133 -12.23 18.34 1.83
N ALA A 134 -12.73 19.06 2.83
CA ALA A 134 -13.84 18.58 3.66
C ALA A 134 -14.68 19.77 4.10
N PHE A 135 -16.00 19.62 3.99
CA PHE A 135 -17.00 20.65 4.37
C PHE A 135 -18.01 19.95 5.27
N ALA A 136 -18.26 20.54 6.41
CA ALA A 136 -19.07 19.97 7.49
C ALA A 136 -20.35 20.79 7.66
N ALA A 137 -21.41 20.15 8.11
CA ALA A 137 -22.58 20.86 8.67
C ALA A 137 -22.23 21.32 10.09
N ASP A 138 -22.76 22.47 10.52
CA ASP A 138 -22.71 22.89 11.96
C ASP A 138 -23.14 21.74 12.87
N GLU A 139 -24.13 20.93 12.47
CA GLU A 139 -24.75 19.86 13.31
C GLU A 139 -23.92 18.58 13.21
N ALA A 140 -22.89 18.57 12.38
CA ALA A 140 -21.98 17.40 12.33
C ALA A 140 -21.25 17.25 13.67
N GLN A 141 -20.85 16.03 14.01
CA GLN A 141 -20.06 15.75 15.22
C GLN A 141 -18.87 14.84 14.88
N PHE A 142 -17.70 15.24 15.31
CA PHE A 142 -16.43 14.50 15.04
C PHE A 142 -15.87 14.00 16.36
N GLY A 143 -15.53 12.74 16.43
CA GLY A 143 -15.02 12.20 17.71
C GLY A 143 -14.21 10.96 17.54
N LEU A 144 -13.30 10.77 18.48
CA LEU A 144 -12.52 9.52 18.70
C LEU A 144 -12.90 8.92 20.07
N SER A 145 -14.06 8.27 20.16
CA SER A 145 -14.59 7.75 21.46
C SER A 145 -13.92 6.43 21.84
N GLU A 146 -13.01 5.90 21.02
CA GLU A 146 -12.37 4.60 21.28
C GLU A 146 -11.75 4.50 22.69
N VAL A 147 -11.20 5.59 23.25
CA VAL A 147 -10.63 5.57 24.62
C VAL A 147 -11.71 5.06 25.60
N ASN A 148 -12.97 5.40 25.37
CA ASN A 148 -14.08 4.98 26.28
C ASN A 148 -14.35 3.48 26.17
N TRP A 149 -13.99 2.87 25.05
CA TRP A 149 -14.18 1.43 24.80
C TRP A 149 -12.90 0.68 25.12
N GLY A 150 -11.87 1.36 25.64
CA GLY A 150 -10.60 0.73 26.05
C GLY A 150 -9.67 0.43 24.88
N ILE A 151 -9.83 1.02 23.72
CA ILE A 151 -8.92 0.71 22.57
C ILE A 151 -8.37 2.02 21.99
N LEU A 152 -7.33 1.90 21.16
CA LEU A 152 -6.73 3.05 20.46
C LEU A 152 -7.67 3.45 19.36
N PRO A 153 -7.64 4.71 18.89
CA PRO A 153 -8.53 5.14 17.80
C PRO A 153 -8.32 4.23 16.55
N GLY A 154 -9.42 3.82 15.88
CA GLY A 154 -9.38 2.95 14.68
C GLY A 154 -8.79 3.64 13.43
N GLY A 155 -8.13 2.85 12.57
CA GLY A 155 -7.82 3.16 11.17
C GLY A 155 -6.84 4.32 10.94
N GLY A 156 -5.84 4.49 11.80
CA GLY A 156 -4.80 5.55 11.72
C GLY A 156 -5.34 6.92 12.18
N ALA A 157 -6.47 6.94 12.86
CA ALA A 157 -7.14 8.19 13.22
C ALA A 157 -6.25 9.07 14.11
N THR A 158 -5.38 8.48 14.95
CA THR A 158 -4.45 9.27 15.79
C THR A 158 -3.59 10.17 14.89
N LYS A 159 -3.05 9.59 13.80
CA LYS A 159 -2.18 10.28 12.84
C LYS A 159 -3.00 11.33 12.10
N VAL A 160 -4.26 11.03 11.77
CA VAL A 160 -5.15 12.00 11.07
C VAL A 160 -5.28 13.24 11.96
N ALA A 161 -5.53 13.04 13.26
CA ALA A 161 -5.73 14.17 14.21
C ALA A 161 -4.43 14.97 14.37
N VAL A 162 -3.28 14.28 14.36
CA VAL A 162 -1.96 14.93 14.53
C VAL A 162 -1.55 15.68 13.25
N ASP A 163 -1.88 15.17 12.07
CA ASP A 163 -1.51 15.86 10.82
C ASP A 163 -2.45 17.05 10.54
N LEU A 164 -3.68 17.03 11.04
CA LEU A 164 -4.64 18.09 10.68
C LEU A 164 -4.73 19.12 11.80
N MET A 165 -4.68 18.70 13.06
CA MET A 165 -5.03 19.65 14.15
C MET A 165 -3.76 19.98 14.97
N PRO A 166 -3.77 21.07 15.75
CA PRO A 166 -2.66 21.39 16.66
C PRO A 166 -2.48 20.27 17.70
N MET A 167 -1.25 20.00 18.09
CA MET A 167 -0.95 18.84 18.96
C MET A 167 -1.80 18.84 20.24
N ARG A 168 -1.93 19.97 20.91
CA ARG A 168 -2.77 20.02 22.14
C ARG A 168 -4.19 19.54 21.88
N VAL A 169 -4.74 19.97 20.77
CA VAL A 169 -6.13 19.70 20.39
C VAL A 169 -6.18 18.22 20.06
N ALA A 170 -5.18 17.70 19.35
CA ALA A 170 -5.17 16.27 18.99
C ALA A 170 -5.11 15.44 20.28
N MET A 171 -4.31 15.90 21.25
CA MET A 171 -4.07 15.19 22.52
C MET A 171 -5.39 15.11 23.31
N TYR A 172 -6.10 16.21 23.47
CA TYR A 172 -7.39 16.25 24.19
C TYR A 172 -8.38 15.33 23.46
N HIS A 173 -8.35 15.36 22.13
CA HIS A 173 -9.30 14.64 21.26
C HIS A 173 -9.18 13.13 21.48
N ALA A 174 -7.96 12.60 21.43
CA ALA A 174 -7.67 11.17 21.67
C ALA A 174 -7.94 10.77 23.13
N MET A 175 -7.56 11.59 24.11
CA MET A 175 -7.53 11.18 25.55
C MET A 175 -8.93 11.25 26.15
N MET A 176 -9.69 12.27 25.75
CA MET A 176 -10.95 12.58 26.46
C MET A 176 -12.12 11.94 25.71
N GLY A 177 -11.95 11.59 24.44
CA GLY A 177 -13.02 10.99 23.65
C GLY A 177 -14.25 11.91 23.57
N GLU A 178 -14.12 13.23 23.65
CA GLU A 178 -15.28 14.14 23.49
C GLU A 178 -15.42 14.57 22.02
N ASN A 179 -16.61 14.98 21.67
CA ASN A 179 -16.96 15.32 20.29
C ASN A 179 -16.57 16.75 20.00
N LEU A 180 -16.22 17.05 18.75
CA LEU A 180 -16.13 18.42 18.20
C LEU A 180 -17.36 18.66 17.32
N SER A 181 -18.03 19.80 17.51
CA SER A 181 -19.03 20.33 16.56
C SER A 181 -18.39 20.61 15.19
N GLY A 182 -19.23 20.76 14.17
CA GLY A 182 -18.79 21.20 12.84
C GLY A 182 -17.98 22.47 12.94
N GLN A 183 -18.43 23.45 13.73
CA GLN A 183 -17.76 24.77 13.89
C GLN A 183 -16.37 24.61 14.53
N ASP A 184 -16.24 23.76 15.54
CA ASP A 184 -14.95 23.46 16.21
C ASP A 184 -14.03 22.70 15.24
N ALA A 185 -14.57 21.83 14.42
CA ALA A 185 -13.78 21.04 13.43
C ALA A 185 -13.21 22.00 12.39
N ALA A 186 -13.94 23.04 11.99
CA ALA A 186 -13.43 24.08 11.07
C ALA A 186 -12.35 24.90 11.79
N ARG A 187 -12.65 25.32 13.02
CA ARG A 187 -11.69 26.13 13.81
C ARG A 187 -10.34 25.40 13.97
N TYR A 188 -10.35 24.10 14.23
CA TYR A 188 -9.09 23.34 14.47
C TYR A 188 -8.57 22.67 13.20
N ASN A 189 -9.19 22.99 12.06
CA ASN A 189 -8.76 22.64 10.67
C ASN A 189 -8.78 21.14 10.44
N LEU A 190 -9.71 20.42 11.08
CA LEU A 190 -10.07 19.03 10.73
C LEU A 190 -10.81 19.07 9.38
N VAL A 191 -11.60 20.12 9.16
CA VAL A 191 -12.33 20.40 7.91
C VAL A 191 -12.01 21.82 7.45
N ASN A 192 -12.33 22.13 6.20
CA ASN A 192 -12.08 23.45 5.60
C ASN A 192 -13.10 24.46 6.14
N GLU A 193 -14.36 24.06 6.25
CA GLU A 193 -15.43 25.02 6.55
C GLU A 193 -16.58 24.27 7.20
N SER A 194 -17.38 24.99 7.96
CA SER A 194 -18.62 24.45 8.52
C SER A 194 -19.73 25.45 8.16
N MET A 195 -20.95 24.98 7.98
CA MET A 195 -22.09 25.89 7.66
C MET A 195 -23.37 25.18 8.04
N PRO A 196 -24.53 25.88 8.11
CA PRO A 196 -25.80 25.21 8.41
C PRO A 196 -26.03 24.07 7.42
N ALA A 197 -26.56 22.94 7.91
CA ALA A 197 -26.79 21.70 7.13
C ALA A 197 -27.53 21.99 5.82
N ASP A 198 -28.51 22.91 5.84
CA ASP A 198 -29.33 23.25 4.66
C ASP A 198 -28.49 23.97 3.60
N GLN A 199 -27.24 24.39 3.88
CA GLN A 199 -26.36 25.07 2.89
C GLN A 199 -25.25 24.14 2.40
N LEU A 200 -25.02 23.01 3.06
CA LEU A 200 -23.78 22.22 2.83
C LEU A 200 -23.71 21.79 1.36
N LYS A 201 -24.75 21.12 0.88
CA LYS A 201 -24.75 20.49 -0.47
C LYS A 201 -24.47 21.55 -1.54
N ALA A 202 -25.08 22.74 -1.45
CA ALA A 202 -24.90 23.82 -2.45
C ALA A 202 -23.44 24.29 -2.44
N ARG A 203 -22.82 24.39 -1.27
CA ARG A 203 -21.40 24.82 -1.16
C ARG A 203 -20.45 23.74 -1.77
N VAL A 204 -20.67 22.47 -1.46
CA VAL A 204 -19.84 21.33 -1.99
C VAL A 204 -20.00 21.30 -3.50
N LYS A 205 -21.24 21.31 -4.01
CA LYS A 205 -21.54 21.44 -5.45
C LYS A 205 -20.75 22.62 -6.07
N GLN A 206 -20.77 23.79 -5.46
CA GLN A 206 -20.05 24.95 -6.02
C GLN A 206 -18.55 24.67 -6.09
N VAL A 207 -17.99 24.02 -5.07
CA VAL A 207 -16.52 23.73 -5.07
C VAL A 207 -16.23 22.71 -6.17
N ALA A 208 -17.01 21.65 -6.26
CA ALA A 208 -16.77 20.55 -7.24
C ALA A 208 -16.83 21.11 -8.67
N GLU A 209 -17.83 21.97 -8.95
CA GLU A 209 -18.00 22.67 -10.26
C GLU A 209 -16.84 23.62 -10.54
N THR A 210 -16.31 24.32 -9.53
CA THR A 210 -15.11 25.19 -9.71
C THR A 210 -13.91 24.32 -10.12
N LEU A 211 -13.75 23.15 -9.52
CA LEU A 211 -12.56 22.28 -9.75
C LEU A 211 -12.64 21.70 -11.15
N ILE A 212 -13.83 21.29 -11.60
CA ILE A 212 -13.93 20.60 -12.93
C ILE A 212 -13.59 21.60 -14.06
N GLN A 213 -13.73 22.91 -13.86
CA GLN A 213 -13.33 23.92 -14.90
C GLN A 213 -11.81 24.03 -15.02
N LYS A 214 -11.06 23.66 -13.97
CA LYS A 214 -9.58 23.79 -14.00
C LYS A 214 -9.02 22.65 -14.81
N ASN A 215 -7.72 22.70 -15.06
CA ASN A 215 -6.98 21.64 -15.76
C ASN A 215 -6.88 20.45 -14.79
N TRP A 216 -7.57 19.35 -15.03
CA TRP A 216 -7.66 18.18 -14.11
C TRP A 216 -6.24 17.67 -13.75
N ALA A 217 -5.36 17.55 -14.72
CA ALA A 217 -3.99 17.08 -14.48
C ALA A 217 -3.25 18.07 -13.55
N THR A 218 -3.44 19.38 -13.71
CA THR A 218 -2.84 20.39 -12.83
C THR A 218 -3.37 20.18 -11.40
N VAL A 219 -4.68 20.05 -11.22
CA VAL A 219 -5.26 19.86 -9.86
C VAL A 219 -4.62 18.62 -9.19
N LYS A 220 -4.37 17.56 -9.94
CA LYS A 220 -3.89 16.27 -9.38
C LYS A 220 -2.47 16.49 -8.89
N TYR A 221 -1.61 17.04 -9.73
CA TYR A 221 -0.18 17.28 -9.35
C TYR A 221 -0.11 18.24 -8.16
N THR A 222 -1.01 19.22 -8.11
CA THR A 222 -0.95 20.26 -7.07
C THR A 222 -1.40 19.66 -5.72
N LYS A 223 -2.49 18.90 -5.69
CA LYS A 223 -2.99 18.25 -4.45
C LYS A 223 -1.97 17.20 -3.97
N ASP A 224 -1.37 16.45 -4.87
CA ASP A 224 -0.34 15.45 -4.48
C ASP A 224 0.86 16.18 -3.87
N ALA A 225 1.20 17.35 -4.41
CA ALA A 225 2.36 18.14 -3.95
C ALA A 225 2.16 18.55 -2.48
N VAL A 226 0.97 19.01 -2.13
CA VAL A 226 0.65 19.43 -0.75
C VAL A 226 0.87 18.26 0.19
N ARG A 227 0.31 17.10 -0.12
CA ARG A 227 0.39 15.88 0.71
C ARG A 227 1.87 15.49 0.86
N ARG A 228 2.62 15.45 -0.23
CA ARG A 228 4.01 14.93 -0.24
C ARG A 228 4.98 15.90 0.49
N VAL A 229 4.91 17.21 0.30
CA VAL A 229 5.95 18.14 0.81
C VAL A 229 5.79 18.31 2.32
N LYS A 230 4.63 17.94 2.87
CA LYS A 230 4.45 17.78 4.33
C LYS A 230 5.54 16.85 4.90
N GLU A 231 6.03 15.83 4.20
CA GLU A 231 6.99 14.86 4.78
C GLU A 231 8.40 15.08 4.25
N MET A 232 8.74 16.29 3.82
CA MET A 232 10.07 16.60 3.26
C MET A 232 10.66 17.80 4.00
N THR A 233 11.97 17.92 3.98
CA THR A 233 12.65 19.17 4.41
C THR A 233 12.30 20.23 3.37
N TYR A 234 12.34 21.50 3.74
CA TYR A 234 12.22 22.63 2.81
C TYR A 234 13.13 22.46 1.59
N ASP A 235 14.40 22.14 1.81
CA ASP A 235 15.44 22.09 0.77
C ASP A 235 15.12 20.95 -0.21
N ASN A 236 14.75 19.76 0.29
CA ASN A 236 14.30 18.66 -0.56
C ASN A 236 12.96 18.99 -1.25
N ALA A 237 12.01 19.63 -0.58
CA ALA A 237 10.71 20.01 -1.19
C ALA A 237 10.94 20.92 -2.42
N GLU A 238 11.96 21.80 -2.40
CA GLU A 238 12.21 22.76 -3.50
C GLU A 238 12.56 21.97 -4.78
N ASP A 239 13.48 21.03 -4.66
CA ASP A 239 13.83 20.19 -5.83
C ASP A 239 12.62 19.37 -6.26
N TYR A 240 11.96 18.68 -5.34
CA TYR A 240 10.83 17.78 -5.63
C TYR A 240 9.79 18.51 -6.48
N LEU A 241 9.47 19.75 -6.13
CA LEU A 241 8.37 20.51 -6.80
C LEU A 241 8.75 20.83 -8.25
N ILE A 242 10.02 21.10 -8.49
CA ILE A 242 10.56 21.28 -9.85
C ILE A 242 10.38 19.99 -10.65
N ARG A 243 10.77 18.85 -10.08
CA ARG A 243 10.65 17.52 -10.72
C ARG A 243 9.16 17.27 -10.99
N LEU A 244 8.26 17.62 -10.07
CA LEU A 244 6.80 17.44 -10.30
C LEU A 244 6.39 18.26 -11.54
N GLN A 245 6.85 19.49 -11.64
CA GLN A 245 6.42 20.34 -12.78
C GLN A 245 6.88 19.69 -14.10
N GLU A 246 8.03 19.01 -14.11
CA GLU A 246 8.56 18.44 -15.36
C GLU A 246 7.68 17.27 -15.78
N GLY A 247 7.20 16.46 -14.81
CA GLY A 247 6.26 15.36 -15.05
C GLY A 247 4.92 15.89 -15.56
N LEU A 248 4.41 16.95 -14.97
CA LEU A 248 3.15 17.62 -15.42
C LEU A 248 3.31 18.14 -16.85
N ASN A 249 4.49 18.65 -17.20
CA ASN A 249 4.81 19.10 -18.59
C ASN A 249 4.52 17.95 -19.57
N TRP A 250 4.94 16.74 -19.20
CA TRP A 250 4.81 15.53 -20.05
C TRP A 250 3.36 15.06 -20.07
N PHE A 251 2.77 15.04 -18.90
CA PHE A 251 1.43 14.44 -18.72
C PHE A 251 0.36 15.34 -19.37
N ASP A 252 0.71 16.40 -20.12
CA ASP A 252 -0.26 17.45 -20.56
C ASP A 252 -0.12 17.75 -22.05
N GLU B 9 0.51 -17.99 -21.70
CA GLU B 9 -0.89 -18.27 -22.11
C GLU B 9 -1.76 -18.17 -20.85
N ARG B 10 -1.84 -19.21 -20.03
CA ARG B 10 -2.85 -19.23 -18.94
C ARG B 10 -2.29 -18.57 -17.65
N GLU B 11 -3.02 -17.60 -17.13
CA GLU B 11 -2.62 -16.80 -15.95
C GLU B 11 -2.27 -17.71 -14.76
N GLU B 12 -3.06 -18.75 -14.51
CA GLU B 12 -2.86 -19.75 -13.42
C GLU B 12 -1.53 -20.47 -13.60
N ASP B 13 -0.94 -20.52 -14.79
CA ASP B 13 0.32 -21.27 -15.07
C ASP B 13 1.60 -20.41 -14.92
N THR B 14 1.50 -19.10 -14.65
CA THR B 14 2.68 -18.19 -14.60
C THR B 14 3.51 -18.37 -13.32
N VAL B 15 2.93 -19.03 -12.33
CA VAL B 15 3.51 -19.27 -11.00
C VAL B 15 3.20 -20.72 -10.64
N ARG B 16 4.18 -21.41 -10.09
CA ARG B 16 4.10 -22.79 -9.56
C ARG B 16 4.45 -22.79 -8.06
N TYR B 17 3.97 -23.72 -7.23
CA TYR B 17 4.60 -23.98 -5.91
C TYR B 17 4.42 -25.42 -5.41
N GLU B 18 5.21 -25.76 -4.39
CA GLU B 18 5.20 -27.05 -3.67
C GLU B 18 5.40 -26.75 -2.19
N ILE B 19 4.62 -27.34 -1.29
CA ILE B 19 4.91 -27.36 0.17
C ILE B 19 5.68 -28.63 0.45
N VAL B 20 6.88 -28.49 1.00
CA VAL B 20 7.72 -29.63 1.45
C VAL B 20 8.26 -29.27 2.82
N ASN B 21 7.88 -30.09 3.83
CA ASN B 21 8.35 -30.00 5.23
C ASN B 21 8.09 -28.57 5.73
N ASN B 22 6.92 -28.04 5.39
CA ASN B 22 6.37 -26.78 5.95
C ASN B 22 7.02 -25.57 5.28
N VAL B 23 7.74 -25.82 4.18
CA VAL B 23 8.34 -24.78 3.34
C VAL B 23 7.54 -24.69 2.05
N ALA B 24 7.07 -23.48 1.73
CA ALA B 24 6.44 -23.14 0.44
C ALA B 24 7.55 -22.77 -0.52
N TRP B 25 7.85 -23.62 -1.48
CA TRP B 25 8.80 -23.35 -2.58
C TRP B 25 8.02 -22.74 -3.73
N VAL B 26 8.14 -21.42 -3.94
CA VAL B 26 7.32 -20.70 -4.93
C VAL B 26 8.23 -20.38 -6.09
N TYR B 27 7.79 -20.66 -7.32
CA TYR B 27 8.65 -20.43 -8.51
C TYR B 27 7.91 -19.51 -9.49
N TYR B 28 8.62 -18.54 -10.03
CA TYR B 28 8.21 -17.87 -11.29
C TYR B 28 8.17 -19.01 -12.33
N ASN B 29 7.14 -19.01 -13.17
CA ASN B 29 6.88 -20.16 -14.09
C ASN B 29 6.62 -19.68 -15.53
N ARG B 30 7.52 -18.85 -16.08
CA ARG B 30 7.56 -18.42 -17.50
C ARG B 30 8.96 -18.69 -18.01
N PRO B 31 9.46 -19.94 -17.86
CA PRO B 31 10.87 -20.23 -18.06
C PRO B 31 11.34 -19.80 -19.46
N THR B 32 10.44 -19.79 -20.44
CA THR B 32 10.83 -19.47 -21.84
C THR B 32 10.93 -17.95 -22.03
N LYS B 33 10.31 -17.16 -21.16
CA LYS B 33 10.38 -15.69 -21.21
C LYS B 33 11.27 -15.13 -20.10
N ARG B 34 12.25 -15.90 -19.61
CA ARG B 34 13.17 -15.50 -18.50
C ARG B 34 12.36 -14.99 -17.30
N ASN B 35 11.19 -15.58 -17.04
CA ASN B 35 10.35 -15.34 -15.85
C ASN B 35 10.04 -13.85 -15.71
N ALA B 36 10.01 -13.12 -16.83
CA ALA B 36 9.56 -11.71 -16.87
C ALA B 36 8.20 -11.53 -16.20
N GLN B 37 8.03 -10.41 -15.50
CA GLN B 37 6.81 -10.14 -14.70
C GLN B 37 5.80 -9.49 -15.64
N SER B 38 4.81 -10.27 -16.07
CA SER B 38 3.70 -9.84 -16.94
C SER B 38 2.59 -9.50 -15.99
N PRO B 39 1.56 -8.76 -16.42
CA PRO B 39 0.38 -8.55 -15.60
C PRO B 39 -0.24 -9.87 -15.10
N LYS B 40 -0.29 -10.87 -15.97
CA LYS B 40 -0.81 -12.20 -15.59
C LYS B 40 0.03 -12.76 -14.42
N LEU B 41 1.35 -12.74 -14.51
CA LEU B 41 2.19 -13.28 -13.42
C LEU B 41 1.95 -12.43 -12.15
N ASN B 42 1.81 -11.11 -12.32
CA ASN B 42 1.68 -10.20 -11.17
C ASN B 42 0.39 -10.57 -10.45
N ARG B 43 -0.70 -10.84 -11.17
CA ARG B 43 -2.00 -11.14 -10.50
C ARG B 43 -1.90 -12.53 -9.86
N GLN B 44 -1.29 -13.48 -10.54
CA GLN B 44 -1.23 -14.87 -10.01
C GLN B 44 -0.32 -14.93 -8.78
N MET B 45 0.81 -14.22 -8.81
CA MET B 45 1.76 -14.22 -7.68
C MET B 45 1.06 -13.68 -6.44
N LEU B 46 0.33 -12.57 -6.56
CA LEU B 46 -0.43 -12.05 -5.40
C LEU B 46 -1.38 -13.13 -4.89
N LYS B 47 -2.04 -13.81 -5.82
CA LYS B 47 -3.02 -14.86 -5.45
C LYS B 47 -2.31 -15.97 -4.66
N VAL B 48 -1.24 -16.53 -5.19
CA VAL B 48 -0.51 -17.61 -4.47
C VAL B 48 -0.04 -17.10 -3.10
N LEU B 49 0.65 -15.96 -3.07
CA LEU B 49 1.25 -15.45 -1.80
C LEU B 49 0.15 -15.22 -0.79
N THR B 50 -0.97 -14.69 -1.22
CA THR B 50 -2.11 -14.43 -0.31
C THR B 50 -2.61 -15.73 0.29
N GLU B 51 -2.75 -16.80 -0.52
CA GLU B 51 -3.35 -18.08 -0.04
C GLU B 51 -2.39 -18.80 0.92
N LEU B 52 -1.08 -18.75 0.64
CA LEU B 52 -0.05 -19.42 1.47
C LEU B 52 0.21 -18.70 2.79
N GLU B 53 0.00 -17.38 2.87
CA GLU B 53 0.61 -16.55 3.95
C GLU B 53 0.26 -17.04 5.35
N PHE B 54 -1.03 -17.28 5.63
CA PHE B 54 -1.54 -17.57 7.00
C PHE B 54 -1.82 -19.07 7.18
N ARG B 55 -1.22 -19.91 6.35
CA ARG B 55 -1.36 -21.38 6.53
C ARG B 55 -0.52 -21.78 7.73
N ASP B 56 -1.15 -22.47 8.68
CA ASP B 56 -0.46 -23.01 9.88
C ASP B 56 0.56 -24.09 9.48
N ASP B 57 0.54 -24.61 8.27
CA ASP B 57 1.58 -25.60 7.89
C ASP B 57 2.68 -24.99 7.02
N VAL B 58 2.74 -23.66 6.85
CA VAL B 58 3.75 -22.96 5.99
C VAL B 58 4.54 -22.03 6.92
N GLY B 59 5.81 -22.35 7.16
CA GLY B 59 6.65 -21.65 8.16
C GLY B 59 7.64 -20.71 7.48
N VAL B 60 7.88 -20.92 6.21
CA VAL B 60 8.89 -20.15 5.42
C VAL B 60 8.51 -20.32 3.96
N LEU B 61 8.78 -19.26 3.20
CA LEU B 61 8.57 -19.22 1.74
C LEU B 61 9.91 -19.00 1.07
N VAL B 62 10.17 -19.75 0.01
CA VAL B 62 11.36 -19.61 -0.87
C VAL B 62 10.84 -19.17 -2.23
N LEU B 63 11.44 -18.15 -2.82
CA LEU B 63 11.05 -17.65 -4.16
C LEU B 63 12.19 -17.99 -5.10
N GLY B 64 11.92 -18.88 -6.05
CA GLY B 64 12.89 -19.36 -7.04
C GLY B 64 12.34 -19.15 -8.43
N GLY B 65 13.07 -19.56 -9.44
CA GLY B 65 12.59 -19.45 -10.84
C GLY B 65 12.89 -20.71 -11.63
N GLU B 66 11.95 -21.10 -12.51
CA GLU B 66 12.13 -22.15 -13.55
C GLU B 66 13.04 -21.64 -14.69
N GLY B 67 13.96 -22.51 -15.15
CA GLY B 67 14.73 -22.27 -16.38
C GLY B 67 15.99 -21.50 -16.07
N PRO B 68 16.71 -20.93 -17.06
CA PRO B 68 18.00 -20.29 -16.79
C PRO B 68 17.95 -19.00 -15.94
N ALA B 69 16.80 -18.33 -15.83
CA ALA B 69 16.73 -17.05 -15.13
C ALA B 69 15.97 -17.22 -13.82
N TRP B 70 16.34 -16.45 -12.81
CA TRP B 70 15.44 -16.15 -11.68
C TRP B 70 14.30 -15.25 -12.17
N CYS B 71 14.58 -14.00 -12.56
CA CYS B 71 13.59 -13.02 -13.10
C CYS B 71 14.33 -11.94 -13.88
N ALA B 72 14.08 -11.85 -15.19
CA ALA B 72 14.80 -10.87 -16.06
C ALA B 72 14.12 -9.49 -15.95
N GLY B 73 13.14 -9.33 -15.09
CA GLY B 73 12.52 -8.01 -14.90
C GLY B 73 11.08 -7.99 -15.35
N MET B 74 10.61 -6.83 -15.82
CA MET B 74 9.21 -6.69 -16.27
C MET B 74 9.16 -7.15 -17.74
N ASP B 75 8.06 -7.77 -18.15
CA ASP B 75 7.80 -8.21 -19.53
C ASP B 75 7.40 -6.99 -20.34
N LEU B 76 8.30 -6.49 -21.18
CA LEU B 76 8.16 -5.18 -21.86
C LEU B 76 6.96 -5.25 -22.81
N LYS B 77 6.69 -6.42 -23.39
CA LYS B 77 5.55 -6.62 -24.32
C LYS B 77 4.23 -6.52 -23.54
N GLU B 78 4.04 -7.35 -22.52
CA GLU B 78 2.71 -7.38 -21.82
C GLU B 78 2.60 -6.17 -20.87
N TYR B 79 3.67 -5.78 -20.16
CA TYR B 79 3.59 -4.93 -18.92
C TYR B 79 3.75 -3.43 -19.24
N PHE B 80 4.75 -3.07 -20.07
CA PHE B 80 5.12 -1.66 -20.39
C PHE B 80 4.39 -1.27 -21.69
N ARG B 81 4.67 -1.98 -22.80
CA ARG B 81 4.16 -1.71 -24.19
C ARG B 81 2.64 -1.91 -24.29
N GLU B 82 2.11 -3.13 -24.07
CA GLU B 82 0.68 -3.44 -24.31
C GLU B 82 -0.25 -2.70 -23.35
N THR B 83 0.20 -2.47 -22.11
CA THR B 83 -0.60 -1.76 -21.08
C THR B 83 -0.84 -0.31 -21.50
N GLU B 84 0.24 0.43 -21.85
CA GLU B 84 0.22 1.89 -22.18
C GLU B 84 -0.80 2.17 -23.30
N ALA B 85 -1.05 1.18 -24.18
CA ALA B 85 -2.06 1.13 -25.26
C ALA B 85 -3.48 1.42 -24.73
N GLU B 86 -3.79 1.16 -23.45
CA GLU B 86 -5.11 1.52 -22.84
C GLU B 86 -4.96 2.72 -21.90
N GLY B 87 -3.80 3.38 -21.94
CA GLY B 87 -3.56 4.74 -21.40
C GLY B 87 -3.14 4.75 -19.96
N LEU B 88 -3.57 5.78 -19.23
CA LEU B 88 -3.20 6.03 -17.82
C LEU B 88 -3.82 4.92 -16.99
N ALA B 89 -5.11 4.65 -17.18
CA ALA B 89 -5.88 3.66 -16.41
C ALA B 89 -5.16 2.31 -16.51
N GLY B 90 -4.67 1.98 -17.70
CA GLY B 90 -4.00 0.70 -17.97
C GLY B 90 -2.63 0.65 -17.30
N THR B 91 -1.80 1.64 -17.56
CA THR B 91 -0.51 1.87 -16.85
C THR B 91 -0.71 1.74 -15.34
N ARG B 92 -1.69 2.45 -14.76
CA ARG B 92 -1.81 2.50 -13.29
C ARG B 92 -2.21 1.11 -12.79
N LYS B 93 -3.14 0.44 -13.47
CA LYS B 93 -3.65 -0.87 -13.02
C LYS B 93 -2.46 -1.87 -13.03
N ALA B 94 -1.66 -1.84 -14.07
CA ALA B 94 -0.55 -2.78 -14.22
C ALA B 94 0.53 -2.45 -13.17
N GLN B 95 0.81 -1.16 -12.93
CA GLN B 95 1.75 -0.72 -11.86
C GLN B 95 1.30 -1.27 -10.53
N ARG B 96 0.05 -1.04 -10.18
CA ARG B 96 -0.49 -1.48 -8.87
C ARG B 96 -0.35 -2.99 -8.72
N GLU B 97 -0.56 -3.77 -9.78
CA GLU B 97 -0.49 -5.25 -9.66
C GLU B 97 0.95 -5.64 -9.26
N ALA B 98 1.97 -5.03 -9.85
CA ALA B 98 3.38 -5.37 -9.53
C ALA B 98 3.73 -4.88 -8.10
N TYR B 99 3.50 -3.60 -7.80
CA TYR B 99 3.86 -3.00 -6.50
C TYR B 99 3.15 -3.72 -5.34
N THR B 100 1.90 -4.17 -5.51
CA THR B 100 1.13 -4.65 -4.35
C THR B 100 1.68 -6.03 -3.98
N TRP B 101 2.09 -6.86 -4.94
CA TRP B 101 2.64 -8.19 -4.57
C TRP B 101 4.06 -8.06 -4.01
N TRP B 102 4.88 -7.18 -4.54
CA TRP B 102 6.20 -6.92 -3.88
C TRP B 102 5.97 -6.52 -2.43
N GLU B 103 5.00 -5.66 -2.17
CA GLU B 103 4.74 -5.18 -0.78
C GLU B 103 4.22 -6.33 0.09
N ARG B 104 3.30 -7.16 -0.40
CA ARG B 104 2.75 -8.27 0.39
C ARG B 104 3.93 -9.19 0.74
N LEU B 105 4.86 -9.40 -0.19
CA LEU B 105 6.04 -10.29 0.07
C LEU B 105 6.98 -9.63 1.09
N ARG B 106 7.19 -8.34 0.99
CA ARG B 106 8.14 -7.57 1.84
C ARG B 106 7.67 -7.63 3.31
N TRP B 107 6.34 -7.58 3.55
CA TRP B 107 5.77 -7.63 4.90
C TRP B 107 5.16 -9.00 5.17
N TYR B 108 5.66 -10.06 4.53
CA TYR B 108 5.03 -11.39 4.64
C TYR B 108 5.00 -11.86 6.10
N GLN B 109 3.90 -12.52 6.50
CA GLN B 109 3.78 -13.09 7.86
C GLN B 109 4.90 -14.10 8.12
N LYS B 110 5.36 -14.79 7.10
CA LYS B 110 6.38 -15.85 7.29
C LYS B 110 7.70 -15.32 6.74
N PRO B 111 8.84 -15.85 7.25
CA PRO B 111 10.15 -15.53 6.68
C PRO B 111 10.25 -15.95 5.21
N THR B 112 11.01 -15.16 4.43
CA THR B 112 11.07 -15.23 2.95
C THR B 112 12.54 -15.29 2.54
N ILE B 113 12.85 -16.14 1.57
CA ILE B 113 14.22 -16.38 1.07
C ILE B 113 14.19 -16.31 -0.44
N ALA B 114 15.09 -15.53 -1.07
CA ALA B 114 15.25 -15.50 -2.53
C ALA B 114 16.31 -16.52 -2.87
N MET B 115 16.01 -17.48 -3.76
CA MET B 115 17.00 -18.48 -4.23
C MET B 115 17.32 -18.17 -5.68
N VAL B 116 18.44 -17.49 -5.91
CA VAL B 116 18.69 -16.75 -7.17
C VAL B 116 19.80 -17.50 -7.92
N HIS B 117 19.43 -18.31 -8.90
CA HIS B 117 20.35 -19.26 -9.58
C HIS B 117 20.90 -18.60 -10.86
N GLY B 118 20.20 -17.61 -11.43
CA GLY B 118 20.60 -17.01 -12.72
C GLY B 118 20.27 -15.53 -12.80
N TRP B 119 19.75 -15.09 -13.94
CA TRP B 119 19.51 -13.67 -14.28
C TRP B 119 18.57 -13.04 -13.23
N CYS B 120 18.97 -11.91 -12.68
CA CYS B 120 18.15 -11.04 -11.78
C CYS B 120 18.35 -9.60 -12.21
N PHE B 121 17.40 -9.05 -12.95
CA PHE B 121 17.51 -7.75 -13.68
C PHE B 121 16.34 -6.83 -13.36
N GLY B 122 16.64 -5.54 -13.21
CA GLY B 122 15.63 -4.46 -13.30
C GLY B 122 14.58 -4.63 -12.24
N GLY B 123 13.35 -4.80 -12.66
CA GLY B 123 12.16 -4.89 -11.80
C GLY B 123 12.15 -6.17 -10.98
N ALA B 124 13.04 -7.11 -11.20
CA ALA B 124 13.29 -8.21 -10.24
C ALA B 124 13.86 -7.72 -8.88
N TYR B 125 14.41 -6.52 -8.79
CA TYR B 125 15.05 -6.00 -7.55
C TYR B 125 14.00 -5.79 -6.47
N GLY B 126 12.77 -5.41 -6.81
CA GLY B 126 11.64 -5.32 -5.87
C GLY B 126 11.45 -6.65 -5.12
N PRO B 127 11.13 -7.75 -5.84
CA PRO B 127 11.01 -9.05 -5.19
C PRO B 127 12.28 -9.48 -4.44
N LEU B 128 13.45 -9.15 -4.96
CA LEU B 128 14.73 -9.54 -4.35
C LEU B 128 14.84 -8.89 -2.95
N PHE B 129 14.55 -7.60 -2.87
CA PHE B 129 14.55 -6.82 -1.60
C PHE B 129 13.42 -7.32 -0.67
N ALA B 130 12.28 -7.68 -1.25
CA ALA B 130 11.08 -8.09 -0.48
C ALA B 130 11.34 -9.43 0.26
N CYS B 131 12.27 -10.25 -0.24
CA CYS B 131 12.77 -11.46 0.45
C CYS B 131 13.74 -11.02 1.57
N ASP B 132 13.53 -11.56 2.76
CA ASP B 132 14.31 -11.15 3.95
C ASP B 132 15.77 -11.55 3.73
N LEU B 133 15.99 -12.73 3.18
CA LEU B 133 17.32 -13.30 2.97
C LEU B 133 17.42 -13.67 1.50
N ALA B 134 18.62 -13.80 1.00
CA ALA B 134 18.84 -14.07 -0.43
C ALA B 134 20.13 -14.86 -0.59
N PHE B 135 20.08 -15.95 -1.36
CA PHE B 135 21.27 -16.78 -1.67
C PHE B 135 21.34 -16.90 -3.19
N ALA B 136 22.53 -16.69 -3.73
CA ALA B 136 22.80 -16.68 -5.17
C ALA B 136 23.74 -17.83 -5.49
N ALA B 137 23.61 -18.32 -6.72
CA ALA B 137 24.69 -19.09 -7.38
C ALA B 137 25.78 -18.11 -7.85
N ASP B 138 27.03 -18.58 -7.83
CA ASP B 138 28.17 -17.83 -8.39
C ASP B 138 27.81 -17.37 -9.82
N GLU B 139 27.07 -18.19 -10.55
CA GLU B 139 26.84 -18.00 -12.01
C GLU B 139 25.64 -17.05 -12.20
N ALA B 140 24.93 -16.70 -11.14
CA ALA B 140 23.88 -15.68 -11.19
C ALA B 140 24.45 -14.36 -11.72
N GLN B 141 23.60 -13.56 -12.33
CA GLN B 141 23.96 -12.20 -12.75
C GLN B 141 22.89 -11.20 -12.28
N PHE B 142 23.35 -10.12 -11.67
CA PHE B 142 22.48 -9.04 -11.14
C PHE B 142 22.76 -7.75 -11.92
N GLY B 143 21.73 -7.10 -12.47
CA GLY B 143 21.93 -5.87 -13.23
C GLY B 143 20.72 -4.99 -13.33
N LEU B 144 21.01 -3.71 -13.50
CA LEU B 144 20.05 -2.61 -13.76
C LEU B 144 20.40 -2.01 -15.12
N SER B 145 20.06 -2.74 -16.20
CA SER B 145 20.50 -2.43 -17.58
C SER B 145 19.63 -1.30 -18.19
N GLU B 146 18.60 -0.84 -17.48
CA GLU B 146 17.64 0.21 -17.90
C GLU B 146 18.33 1.48 -18.42
N VAL B 147 19.47 1.87 -17.86
CA VAL B 147 20.14 3.10 -18.34
C VAL B 147 20.41 2.96 -19.86
N ASN B 148 20.71 1.74 -20.31
CA ASN B 148 21.06 1.44 -21.72
C ASN B 148 19.85 1.47 -22.65
N TRP B 149 18.64 1.38 -22.11
CA TRP B 149 17.37 1.48 -22.87
C TRP B 149 16.80 2.89 -22.70
N GLY B 150 17.51 3.78 -22.02
CA GLY B 150 17.07 5.17 -21.82
C GLY B 150 16.03 5.36 -20.73
N ILE B 151 15.84 4.43 -19.79
CA ILE B 151 14.82 4.65 -18.70
C ILE B 151 15.45 4.49 -17.31
N LEU B 152 14.70 4.90 -16.29
CA LEU B 152 15.13 4.68 -14.88
C LEU B 152 14.97 3.21 -14.53
N PRO B 153 15.75 2.68 -13.57
CA PRO B 153 15.58 1.29 -13.14
C PRO B 153 14.12 1.00 -12.74
N GLY B 154 13.58 -0.15 -13.18
CA GLY B 154 12.19 -0.60 -12.88
C GLY B 154 11.92 -0.78 -11.38
N GLY B 155 10.70 -0.44 -10.96
CA GLY B 155 10.05 -1.02 -9.78
C GLY B 155 10.75 -0.68 -8.46
N GLY B 156 11.33 0.53 -8.36
CA GLY B 156 12.03 1.00 -7.15
C GLY B 156 13.42 0.39 -7.02
N ALA B 157 13.95 -0.22 -8.08
CA ALA B 157 15.26 -0.91 -8.00
C ALA B 157 16.35 0.06 -7.52
N THR B 158 16.28 1.38 -7.85
CA THR B 158 17.25 2.39 -7.40
C THR B 158 17.28 2.38 -5.87
N LYS B 159 16.12 2.36 -5.24
CA LYS B 159 16.02 2.41 -3.77
C LYS B 159 16.56 1.09 -3.20
N VAL B 160 16.32 -0.04 -3.89
CA VAL B 160 16.81 -1.39 -3.46
C VAL B 160 18.35 -1.34 -3.43
N ALA B 161 18.96 -0.86 -4.52
CA ALA B 161 20.43 -0.75 -4.64
C ALA B 161 21.00 0.13 -3.53
N VAL B 162 20.35 1.24 -3.24
CA VAL B 162 20.79 2.20 -2.20
C VAL B 162 20.59 1.65 -0.78
N ASP B 163 19.53 0.90 -0.51
CA ASP B 163 19.29 0.36 0.87
C ASP B 163 20.15 -0.87 1.15
N LEU B 164 20.62 -1.59 0.14
CA LEU B 164 21.45 -2.81 0.39
C LEU B 164 22.92 -2.54 0.15
N MET B 165 23.29 -1.74 -0.86
CA MET B 165 24.73 -1.66 -1.24
C MET B 165 25.35 -0.32 -0.80
N PRO B 166 26.69 -0.21 -0.69
CA PRO B 166 27.36 1.07 -0.43
C PRO B 166 26.99 2.05 -1.56
N MET B 167 26.75 3.30 -1.20
CA MET B 167 26.35 4.38 -2.14
C MET B 167 27.20 4.36 -3.44
N ARG B 168 28.51 4.23 -3.35
CA ARG B 168 29.40 4.31 -4.54
C ARG B 168 29.09 3.15 -5.48
N VAL B 169 28.82 1.97 -4.91
CA VAL B 169 28.48 0.76 -5.67
C VAL B 169 27.10 0.94 -6.31
N ALA B 170 26.13 1.46 -5.57
CA ALA B 170 24.77 1.64 -6.11
C ALA B 170 24.88 2.60 -7.29
N MET B 171 25.66 3.64 -7.14
CA MET B 171 25.79 4.69 -8.19
C MET B 171 26.35 4.08 -9.48
N TYR B 172 27.44 3.32 -9.41
CA TYR B 172 28.05 2.65 -10.58
C TYR B 172 27.03 1.71 -11.20
N HIS B 173 26.35 0.95 -10.37
CA HIS B 173 25.38 -0.09 -10.77
C HIS B 173 24.29 0.54 -11.64
N ALA B 174 23.72 1.63 -11.18
CA ALA B 174 22.66 2.33 -11.88
C ALA B 174 23.17 3.04 -13.16
N MET B 175 24.36 3.64 -13.10
CA MET B 175 24.82 4.59 -14.14
C MET B 175 25.45 3.81 -15.30
N MET B 176 26.12 2.71 -15.02
CA MET B 176 26.91 1.99 -16.03
C MET B 176 26.12 0.79 -16.58
N GLY B 177 25.12 0.28 -15.85
CA GLY B 177 24.24 -0.80 -16.29
C GLY B 177 24.96 -2.14 -16.49
N GLU B 178 26.08 -2.35 -15.82
CA GLU B 178 26.90 -3.59 -15.90
C GLU B 178 26.40 -4.56 -14.84
N ASN B 179 26.62 -5.86 -15.04
CA ASN B 179 26.11 -6.90 -14.11
C ASN B 179 27.10 -7.16 -12.97
N LEU B 180 26.59 -7.58 -11.82
CA LEU B 180 27.41 -8.11 -10.70
C LEU B 180 27.26 -9.61 -10.76
N SER B 181 28.35 -10.33 -10.60
CA SER B 181 28.32 -11.81 -10.41
C SER B 181 27.70 -12.15 -9.04
N GLY B 182 27.39 -13.42 -8.85
CA GLY B 182 26.95 -13.94 -7.55
C GLY B 182 27.90 -13.52 -6.43
N GLN B 183 29.20 -13.64 -6.68
CA GLN B 183 30.24 -13.36 -5.67
C GLN B 183 30.23 -11.85 -5.36
N ASP B 184 30.21 -11.02 -6.41
CA ASP B 184 30.18 -9.55 -6.24
C ASP B 184 28.91 -9.16 -5.50
N ALA B 185 27.78 -9.76 -5.82
CA ALA B 185 26.48 -9.47 -5.17
C ALA B 185 26.55 -9.71 -3.67
N ALA B 186 27.22 -10.79 -3.27
CA ALA B 186 27.44 -11.18 -1.85
C ALA B 186 28.40 -10.17 -1.20
N ARG B 187 29.52 -9.90 -1.89
CA ARG B 187 30.56 -8.96 -1.41
C ARG B 187 29.91 -7.60 -1.11
N TYR B 188 28.99 -7.13 -1.91
CA TYR B 188 28.40 -5.77 -1.73
C TYR B 188 27.04 -5.85 -1.03
N ASN B 189 26.67 -7.04 -0.55
CA ASN B 189 25.53 -7.27 0.38
C ASN B 189 24.20 -7.01 -0.29
N LEU B 190 24.11 -7.26 -1.59
CA LEU B 190 22.83 -7.36 -2.33
C LEU B 190 22.12 -8.67 -1.93
N VAL B 191 22.94 -9.70 -1.69
CA VAL B 191 22.49 -11.02 -1.19
C VAL B 191 23.40 -11.43 -0.01
N ASN B 192 22.95 -12.39 0.77
CA ASN B 192 23.64 -12.89 1.96
C ASN B 192 24.86 -13.69 1.54
N GLU B 193 24.77 -14.51 0.51
CA GLU B 193 25.85 -15.47 0.20
C GLU B 193 25.75 -15.83 -1.27
N SER B 194 26.88 -16.25 -1.82
CA SER B 194 27.01 -16.84 -3.16
C SER B 194 27.74 -18.19 -3.00
N MET B 195 27.39 -19.18 -3.81
CA MET B 195 28.05 -20.53 -3.79
C MET B 195 27.85 -21.12 -5.17
N PRO B 196 28.60 -22.17 -5.55
CA PRO B 196 28.34 -22.83 -6.83
C PRO B 196 26.86 -23.23 -6.95
N ALA B 197 26.32 -23.21 -8.17
CA ALA B 197 24.88 -23.48 -8.46
C ALA B 197 24.46 -24.83 -7.89
N ASP B 198 25.34 -25.84 -7.88
CA ASP B 198 24.94 -27.20 -7.48
C ASP B 198 24.89 -27.30 -5.96
N GLN B 199 25.29 -26.27 -5.22
CA GLN B 199 25.18 -26.26 -3.74
C GLN B 199 23.99 -25.40 -3.28
N LEU B 200 23.39 -24.62 -4.18
CA LEU B 200 22.48 -23.50 -3.77
C LEU B 200 21.25 -24.07 -3.05
N LYS B 201 20.58 -25.00 -3.70
CA LYS B 201 19.28 -25.59 -3.26
C LYS B 201 19.46 -26.13 -1.85
N ALA B 202 20.54 -26.88 -1.61
CA ALA B 202 20.76 -27.54 -0.31
C ALA B 202 21.01 -26.49 0.80
N ARG B 203 21.78 -25.44 0.50
CA ARG B 203 22.02 -24.35 1.50
C ARG B 203 20.64 -23.70 1.80
N VAL B 204 19.85 -23.40 0.78
CA VAL B 204 18.55 -22.71 1.03
C VAL B 204 17.59 -23.59 1.84
N LYS B 205 17.58 -24.86 1.47
CA LYS B 205 16.77 -25.88 2.17
C LYS B 205 17.17 -25.89 3.64
N GLN B 206 18.46 -25.90 3.90
CA GLN B 206 18.99 -25.93 5.28
C GLN B 206 18.56 -24.66 6.03
N VAL B 207 18.63 -23.50 5.38
CA VAL B 207 18.27 -22.21 6.04
C VAL B 207 16.78 -22.29 6.35
N ALA B 208 15.98 -22.70 5.40
CA ALA B 208 14.51 -22.74 5.55
C ALA B 208 14.15 -23.70 6.69
N GLU B 209 14.79 -24.86 6.73
CA GLU B 209 14.38 -25.90 7.71
C GLU B 209 14.89 -25.52 9.12
N THR B 210 15.95 -24.71 9.23
CA THR B 210 16.37 -24.07 10.51
C THR B 210 15.31 -23.07 10.99
N LEU B 211 14.80 -22.18 10.12
CA LEU B 211 13.81 -21.15 10.55
C LEU B 211 12.51 -21.79 11.05
N ILE B 212 12.03 -22.87 10.44
CA ILE B 212 10.71 -23.45 10.83
C ILE B 212 10.84 -24.09 12.24
N GLN B 213 12.06 -24.41 12.69
CA GLN B 213 12.28 -24.92 14.07
C GLN B 213 12.21 -23.80 15.10
N LYS B 214 12.26 -22.51 14.73
CA LYS B 214 12.16 -21.37 15.69
C LYS B 214 10.70 -21.05 15.97
N ASN B 215 10.41 -20.23 16.98
CA ASN B 215 9.06 -19.70 17.23
C ASN B 215 8.72 -18.80 16.02
N TRP B 216 7.72 -19.18 15.21
CA TRP B 216 7.37 -18.47 13.95
C TRP B 216 6.99 -17.01 14.24
N ALA B 217 6.22 -16.75 15.30
CA ALA B 217 5.86 -15.38 15.73
C ALA B 217 7.14 -14.57 15.99
N THR B 218 8.10 -15.10 16.74
CA THR B 218 9.35 -14.37 17.09
C THR B 218 10.08 -13.98 15.80
N VAL B 219 10.18 -14.90 14.84
CA VAL B 219 10.93 -14.67 13.58
C VAL B 219 10.23 -13.52 12.82
N LYS B 220 8.92 -13.52 12.82
CA LYS B 220 8.17 -12.46 12.13
C LYS B 220 8.49 -11.11 12.77
N TYR B 221 8.31 -10.97 14.09
CA TYR B 221 8.56 -9.71 14.82
C TYR B 221 10.02 -9.28 14.60
N THR B 222 10.96 -10.22 14.60
CA THR B 222 12.40 -9.92 14.52
C THR B 222 12.73 -9.45 13.10
N LYS B 223 12.16 -10.04 12.05
CA LYS B 223 12.47 -9.60 10.67
C LYS B 223 11.80 -8.25 10.39
N ASP B 224 10.58 -8.04 10.87
CA ASP B 224 9.91 -6.73 10.67
C ASP B 224 10.72 -5.62 11.39
N ALA B 225 11.30 -5.96 12.53
CA ALA B 225 12.03 -4.96 13.36
C ALA B 225 13.27 -4.50 12.59
N VAL B 226 14.01 -5.42 11.98
CA VAL B 226 15.20 -5.02 11.18
C VAL B 226 14.78 -4.00 10.10
N ARG B 227 13.68 -4.23 9.38
CA ARG B 227 13.24 -3.45 8.18
C ARG B 227 12.80 -2.08 8.70
N ARG B 228 12.08 -2.06 9.81
CA ARG B 228 11.47 -0.86 10.39
C ARG B 228 12.54 0.05 11.01
N VAL B 229 13.49 -0.46 11.80
CA VAL B 229 14.41 0.41 12.58
C VAL B 229 15.45 1.05 11.64
N LYS B 230 15.60 0.50 10.44
CA LYS B 230 16.33 1.18 9.35
C LYS B 230 15.79 2.61 9.11
N GLU B 231 14.53 2.92 9.38
CA GLU B 231 13.95 4.24 9.03
C GLU B 231 13.56 5.00 10.29
N MET B 232 14.24 4.74 11.40
CA MET B 232 14.03 5.50 12.64
C MET B 232 15.37 6.02 13.15
N THR B 233 15.33 7.06 13.97
CA THR B 233 16.49 7.49 14.80
C THR B 233 16.77 6.41 15.84
N TYR B 234 18.01 6.29 16.27
CA TYR B 234 18.39 5.37 17.36
C TYR B 234 17.43 5.55 18.55
N ASP B 235 17.17 6.78 18.97
CA ASP B 235 16.38 7.04 20.19
C ASP B 235 14.93 6.53 19.98
N ASN B 236 14.35 6.74 18.79
CA ASN B 236 12.98 6.27 18.48
C ASN B 236 12.99 4.75 18.34
N ALA B 237 14.06 4.16 17.82
CA ALA B 237 14.16 2.71 17.59
C ALA B 237 14.15 1.98 18.92
N GLU B 238 14.78 2.53 19.96
CA GLU B 238 14.83 1.90 21.31
C GLU B 238 13.39 1.77 21.82
N ASP B 239 12.62 2.87 21.82
CA ASP B 239 11.26 2.82 22.42
C ASP B 239 10.40 1.84 21.58
N TYR B 240 10.54 1.89 20.24
CA TYR B 240 9.79 1.06 19.29
C TYR B 240 10.00 -0.44 19.59
N LEU B 241 11.25 -0.87 19.66
CA LEU B 241 11.60 -2.28 19.94
C LEU B 241 10.99 -2.79 21.25
N ILE B 242 10.82 -1.95 22.27
CA ILE B 242 10.11 -2.33 23.52
C ILE B 242 8.62 -2.53 23.22
N ARG B 243 7.99 -1.59 22.51
CA ARG B 243 6.58 -1.69 22.05
C ARG B 243 6.42 -2.97 21.20
N LEU B 244 7.37 -3.35 20.35
CA LEU B 244 7.21 -4.58 19.56
C LEU B 244 7.21 -5.81 20.50
N GLN B 245 8.13 -5.83 21.45
CA GLN B 245 8.23 -6.98 22.37
C GLN B 245 6.91 -7.10 23.12
N GLU B 246 6.26 -5.98 23.47
CA GLU B 246 4.95 -6.04 24.18
C GLU B 246 3.91 -6.73 23.29
N GLY B 247 3.88 -6.40 22.00
CA GLY B 247 2.98 -7.02 21.02
C GLY B 247 3.34 -8.48 20.82
N LEU B 248 4.61 -8.82 20.74
CA LEU B 248 4.99 -10.25 20.64
C LEU B 248 4.47 -11.03 21.87
N ASN B 249 4.50 -10.44 23.06
CA ASN B 249 4.02 -11.07 24.31
C ASN B 249 2.56 -11.49 24.14
N TRP B 250 1.77 -10.69 23.44
CA TRP B 250 0.33 -10.94 23.16
C TRP B 250 0.13 -12.03 22.09
N PHE B 251 0.84 -12.07 20.96
CA PHE B 251 0.67 -13.14 19.94
C PHE B 251 0.99 -14.53 20.53
N ASP B 252 1.58 -14.65 21.72
CA ASP B 252 2.32 -15.88 22.12
C ASP B 252 2.23 -16.21 23.63
#